data_1EUT
#
_entry.id   1EUT
#
_cell.length_a   51.280
_cell.length_b   117.300
_cell.length_c   60.240
_cell.angle_alpha   90.00
_cell.angle_beta   96.17
_cell.angle_gamma   90.00
#
_symmetry.space_group_name_H-M   'P 1 21 1'
#
loop_
_entity.id
_entity.type
_entity.pdbx_description
1 polymer SIALIDASE
2 non-polymer 'SODIUM ION'
#
_entity_poly.entity_id   1
_entity_poly.type   'polypeptide(L)'
_entity_poly.pdbx_seq_one_letter_code
;VPPGGEPLYTEQDLAVNGREGFPNYRIPALTVTPDGDLLASYDGRPTGIDAPGPNSILQRRSTDGGRTWGEQQVVSAGQT
TAPIKGFSDPSYLVDRETGTIFNFHVYSQRQGFAGSRPGTDPADPNVLHANVATSTDGGLTWSHRTITADITPDPGWRSR
FAASGEGIQLRYGPHAGRLIQQYTIINAAGAFQAVSVYSDDHGRTWRAGEAVGVGMDENKTVELSDGRVLLNSRDSARSG
YRKVAVSTDGGHSYGPVTIDRDLPDPTNNASIIRAFPDAPAGSARAKVLLFSNAASQTSRSQGTIRMSCDDGQTWPVSKV
FQPGSMSYSTLTALPDGTYGLLYEPGTGIRYANFNLAWLGGICAPFTIPDVALEPGQQVTVPVAVTNQSGIAVPKPSLQL
DASPDWQVQGSVEPLMPGRQAKGQVTITVPAGTTPGRYRVGATLRTSAGNASTTFTVTVGLLDQARMSIADVDSEETARE
DGRASNVIDGNPSTFWHTEWSRADAPGYPHRISLDLGGTHTISGLQYTRRQNSANEQVADYEIYTSLNGTTWDGPVASGR
FTTSLAPQRAVFPARDARYIRLVALSEQTGHKYAAVAELEVEGQR
;
_entity_poly.pdbx_strand_id   A
#
loop_
_chem_comp.id
_chem_comp.type
_chem_comp.name
_chem_comp.formula
NA non-polymer 'SODIUM ION' 'Na 1'
#
# COMPACT_ATOMS: atom_id res chain seq x y z
N GLY A 5 -0.28 19.04 -23.31
CA GLY A 5 -1.21 19.56 -24.35
C GLY A 5 -2.58 18.95 -24.12
N GLU A 6 -3.17 18.41 -25.18
CA GLU A 6 -4.47 17.77 -25.06
C GLU A 6 -4.24 16.47 -24.25
N PRO A 7 -5.17 16.15 -23.34
CA PRO A 7 -5.08 14.96 -22.48
C PRO A 7 -5.11 13.63 -23.25
N LEU A 8 -4.06 12.82 -23.04
CA LEU A 8 -3.92 11.52 -23.68
C LEU A 8 -3.99 10.34 -22.73
N TYR A 9 -4.67 9.30 -23.19
CA TYR A 9 -4.78 8.04 -22.47
C TYR A 9 -5.42 7.06 -23.46
N THR A 10 -4.59 6.11 -23.89
CA THR A 10 -4.97 5.09 -24.85
C THR A 10 -4.49 3.75 -24.28
N GLU A 11 -5.09 2.64 -24.70
CA GLU A 11 -4.67 1.33 -24.25
C GLU A 11 -4.96 0.20 -25.22
N GLN A 12 -4.15 -0.84 -25.18
CA GLN A 12 -4.31 -2.00 -26.04
C GLN A 12 -3.77 -3.26 -25.31
N ASP A 13 -4.31 -4.42 -25.62
CA ASP A 13 -3.81 -5.62 -24.94
C ASP A 13 -2.61 -6.27 -25.62
N LEU A 14 -1.60 -6.59 -24.81
CA LEU A 14 -0.40 -7.27 -25.30
C LEU A 14 -0.60 -8.79 -25.14
N ALA A 15 -1.24 -9.22 -24.05
CA ALA A 15 -1.46 -10.64 -23.80
C ALA A 15 -2.90 -10.86 -23.38
N VAL A 16 -3.54 -11.82 -24.03
CA VAL A 16 -4.93 -12.18 -23.74
C VAL A 16 -4.95 -13.66 -23.42
N ASN A 17 -5.37 -13.97 -22.18
CA ASN A 17 -5.44 -15.32 -21.65
C ASN A 17 -6.08 -16.31 -22.62
N GLY A 18 -5.30 -17.31 -23.05
CA GLY A 18 -5.79 -18.33 -23.96
C GLY A 18 -5.25 -18.24 -25.36
N ARG A 19 -5.07 -17.02 -25.84
CA ARG A 19 -4.57 -16.79 -27.18
C ARG A 19 -3.06 -16.74 -27.16
N GLU A 20 -2.45 -17.07 -28.28
CA GLU A 20 -1.00 -17.07 -28.41
C GLU A 20 -0.18 -18.02 -27.54
N GLY A 21 -0.81 -19.15 -27.17
CA GLY A 21 -0.07 -20.18 -26.46
C GLY A 21 -0.12 -20.42 -24.98
N PHE A 22 -0.76 -19.54 -24.22
CA PHE A 22 -0.81 -19.80 -22.81
C PHE A 22 -2.17 -19.50 -22.30
N PRO A 23 -2.62 -20.28 -21.31
CA PRO A 23 -3.92 -20.13 -20.67
C PRO A 23 -3.86 -18.99 -19.69
N ASN A 24 -2.64 -18.57 -19.32
CA ASN A 24 -2.48 -17.51 -18.33
C ASN A 24 -1.24 -16.68 -18.58
N TYR A 25 -1.39 -15.37 -18.48
CA TYR A 25 -0.28 -14.43 -18.62
C TYR A 25 -0.46 -13.58 -17.41
N ARG A 26 0.62 -13.21 -16.75
CA ARG A 26 0.58 -12.40 -15.55
C ARG A 26 1.97 -11.78 -15.28
N ILE A 27 2.04 -10.97 -14.23
CA ILE A 27 3.26 -10.31 -13.76
C ILE A 27 3.99 -9.43 -14.78
N PRO A 28 3.44 -8.23 -15.04
CA PRO A 28 3.95 -7.22 -15.96
C PRO A 28 5.34 -6.56 -15.62
N ALA A 29 6.13 -6.24 -16.66
CA ALA A 29 7.44 -5.56 -16.56
C ALA A 29 7.67 -4.71 -17.83
N LEU A 30 7.84 -3.40 -17.61
CA LEU A 30 8.02 -2.44 -18.68
C LEU A 30 9.37 -1.71 -18.69
N THR A 31 9.97 -1.58 -19.86
CA THR A 31 11.23 -0.84 -19.97
C THR A 31 11.26 -0.15 -21.34
N VAL A 32 12.16 0.82 -21.49
CA VAL A 32 12.37 1.54 -22.75
C VAL A 32 13.87 1.32 -22.97
N THR A 33 14.24 0.69 -24.07
CA THR A 33 15.66 0.45 -24.32
C THR A 33 16.42 1.73 -24.67
N PRO A 34 17.76 1.68 -24.59
CA PRO A 34 18.58 2.84 -24.90
C PRO A 34 18.25 3.58 -26.21
N ASP A 35 17.64 2.88 -27.16
CA ASP A 35 17.26 3.46 -28.46
C ASP A 35 15.76 3.79 -28.75
N GLY A 36 14.94 3.89 -27.71
CA GLY A 36 13.52 4.21 -27.87
C GLY A 36 12.48 3.11 -28.07
N ASP A 37 12.95 1.88 -27.97
CA ASP A 37 12.13 0.69 -28.12
C ASP A 37 11.48 0.41 -26.79
N LEU A 38 10.20 0.16 -26.82
CA LEU A 38 9.49 -0.18 -25.62
C LEU A 38 9.64 -1.69 -25.55
N LEU A 39 9.94 -2.19 -24.37
CA LEU A 39 10.09 -3.62 -24.15
C LEU A 39 9.11 -3.94 -23.04
N ALA A 40 8.25 -4.93 -23.31
CA ALA A 40 7.30 -5.41 -22.31
C ALA A 40 7.50 -6.95 -22.09
N SER A 41 7.70 -7.33 -20.84
CA SER A 41 7.86 -8.74 -20.44
C SER A 41 6.75 -9.18 -19.46
N TYR A 42 6.49 -10.49 -19.39
CA TYR A 42 5.47 -11.04 -18.51
C TYR A 42 5.54 -12.56 -18.46
N ASP A 43 4.91 -13.21 -17.48
CA ASP A 43 4.91 -14.68 -17.41
C ASP A 43 3.88 -15.27 -18.39
N GLY A 44 4.20 -16.43 -18.91
CA GLY A 44 3.28 -17.17 -19.74
C GLY A 44 3.11 -18.38 -18.80
N ARG A 45 1.97 -18.50 -18.11
CA ARG A 45 1.73 -19.61 -17.16
C ARG A 45 0.95 -20.81 -17.76
N PRO A 46 1.67 -21.79 -18.32
CA PRO A 46 1.02 -22.95 -18.93
C PRO A 46 0.14 -23.67 -17.92
N THR A 47 0.41 -23.38 -16.66
CA THR A 47 -0.31 -23.93 -15.52
C THR A 47 -1.22 -22.92 -14.81
N GLY A 48 -1.05 -21.63 -15.09
CA GLY A 48 -1.87 -20.61 -14.43
C GLY A 48 -1.46 -20.37 -12.98
N ILE A 49 -0.29 -20.86 -12.65
CA ILE A 49 0.23 -20.80 -11.31
C ILE A 49 1.63 -20.25 -11.45
N ASP A 50 2.15 -19.66 -10.38
CA ASP A 50 3.52 -19.12 -10.36
C ASP A 50 4.52 -20.25 -10.05
N ALA A 51 5.68 -19.88 -9.51
CA ALA A 51 6.74 -20.83 -9.15
C ALA A 51 6.17 -21.90 -8.22
N PRO A 52 6.62 -23.17 -8.33
CA PRO A 52 7.59 -23.86 -9.19
C PRO A 52 7.09 -24.36 -10.54
N GLY A 53 5.84 -24.03 -10.82
CA GLY A 53 5.20 -24.36 -12.08
C GLY A 53 6.03 -23.90 -13.26
N PRO A 54 5.95 -24.58 -14.41
CA PRO A 54 6.60 -24.45 -15.71
C PRO A 54 6.38 -23.15 -16.48
N ASN A 55 6.43 -22.05 -15.76
CA ASN A 55 6.22 -20.75 -16.33
C ASN A 55 7.41 -20.33 -17.19
N SER A 56 7.14 -19.50 -18.20
CA SER A 56 8.12 -18.95 -19.13
C SER A 56 8.14 -17.41 -19.06
N ILE A 57 9.29 -16.79 -19.31
CA ILE A 57 9.37 -15.33 -19.33
C ILE A 57 9.25 -14.97 -20.83
N LEU A 58 8.29 -14.12 -21.19
CA LEU A 58 8.08 -13.73 -22.58
C LEU A 58 8.40 -12.26 -22.81
N GLN A 59 8.36 -11.80 -24.06
CA GLN A 59 8.66 -10.41 -24.40
C GLN A 59 8.09 -9.95 -25.73
N ARG A 60 7.40 -8.81 -25.74
CA ARG A 60 6.81 -8.20 -26.94
C ARG A 60 7.58 -6.91 -27.10
N ARG A 61 7.88 -6.50 -28.34
CA ARG A 61 8.67 -5.28 -28.57
C ARG A 61 8.04 -4.23 -29.47
N SER A 62 8.13 -2.96 -29.06
CA SER A 62 7.57 -1.89 -29.88
C SER A 62 8.65 -0.92 -30.27
N THR A 63 8.80 -0.72 -31.57
CA THR A 63 9.80 0.17 -32.12
C THR A 63 9.24 1.53 -32.58
N ASP A 64 7.92 1.67 -32.57
CA ASP A 64 7.28 2.91 -32.95
C ASP A 64 6.66 3.59 -31.73
N GLY A 65 7.37 3.54 -30.61
CA GLY A 65 6.90 4.18 -29.39
C GLY A 65 5.72 3.58 -28.64
N GLY A 66 5.32 2.36 -29.00
CA GLY A 66 4.21 1.72 -28.31
C GLY A 66 2.89 1.57 -29.01
N ARG A 67 2.78 2.06 -30.25
CA ARG A 67 1.54 1.98 -31.06
C ARG A 67 1.30 0.59 -31.64
N THR A 68 2.38 -0.03 -32.07
CA THR A 68 2.40 -1.36 -32.69
C THR A 68 3.42 -2.16 -31.90
N TRP A 69 3.17 -3.45 -31.74
CA TRP A 69 4.06 -4.33 -30.97
C TRP A 69 4.43 -5.56 -31.76
N GLY A 70 5.67 -6.02 -31.60
CA GLY A 70 6.12 -7.19 -32.34
C GLY A 70 5.61 -8.52 -31.84
N GLU A 71 6.10 -9.61 -32.41
CA GLU A 71 5.64 -10.91 -31.99
C GLU A 71 6.19 -11.25 -30.62
N GLN A 72 5.48 -12.15 -29.93
CA GLN A 72 5.81 -12.62 -28.59
C GLN A 72 6.98 -13.58 -28.64
N GLN A 73 8.11 -13.16 -28.07
CA GLN A 73 9.34 -13.93 -28.03
C GLN A 73 9.62 -14.44 -26.60
N VAL A 74 10.31 -15.57 -26.49
CA VAL A 74 10.67 -16.16 -25.20
C VAL A 74 12.04 -15.67 -24.78
N VAL A 75 12.15 -15.24 -23.52
CA VAL A 75 13.40 -14.76 -22.95
C VAL A 75 14.06 -15.86 -22.10
N SER A 76 13.22 -16.64 -21.40
CA SER A 76 13.60 -17.74 -20.52
C SER A 76 12.46 -18.74 -20.63
N ALA A 77 12.72 -19.89 -21.25
CA ALA A 77 11.72 -20.93 -21.42
C ALA A 77 11.74 -22.00 -20.30
N GLY A 78 10.54 -22.25 -19.79
CA GLY A 78 10.35 -23.23 -18.73
C GLY A 78 10.08 -24.58 -19.34
N GLN A 79 10.48 -25.61 -18.63
CA GLN A 79 10.31 -26.98 -19.11
C GLN A 79 9.14 -27.64 -18.42
N THR A 80 8.13 -27.98 -19.22
CA THR A 80 6.93 -28.64 -18.70
C THR A 80 7.15 -30.14 -18.48
N THR A 81 8.04 -30.74 -19.25
CA THR A 81 8.34 -32.15 -19.10
C THR A 81 9.26 -32.23 -17.91
N ALA A 82 9.24 -33.35 -17.20
CA ALA A 82 10.15 -33.53 -16.08
C ALA A 82 11.59 -33.72 -16.61
N PRO A 83 12.59 -33.14 -15.93
CA PRO A 83 12.30 -32.36 -14.73
C PRO A 83 11.81 -30.93 -15.03
N ILE A 84 10.69 -30.60 -14.40
CA ILE A 84 10.03 -29.31 -14.50
C ILE A 84 10.95 -28.14 -14.07
N LYS A 85 10.96 -27.09 -14.89
CA LYS A 85 11.75 -25.86 -14.63
C LYS A 85 10.83 -24.70 -14.96
N GLY A 86 10.99 -23.60 -14.25
CA GLY A 86 10.15 -22.47 -14.52
C GLY A 86 10.86 -21.18 -14.26
N PHE A 87 10.40 -20.13 -14.94
CA PHE A 87 10.93 -18.78 -14.80
C PHE A 87 9.72 -17.90 -14.54
N SER A 88 9.84 -16.97 -13.61
CA SER A 88 8.70 -16.13 -13.27
C SER A 88 8.99 -14.74 -12.73
N ASP A 89 7.98 -13.89 -12.80
CA ASP A 89 8.08 -12.56 -12.26
C ASP A 89 9.27 -11.78 -12.84
N PRO A 90 9.14 -11.30 -14.09
CA PRO A 90 10.28 -10.56 -14.64
C PRO A 90 10.36 -9.13 -14.12
N SER A 91 11.53 -8.52 -14.24
CA SER A 91 11.76 -7.13 -13.82
C SER A 91 12.94 -6.58 -14.64
N TYR A 92 12.71 -5.51 -15.40
CA TYR A 92 13.78 -4.91 -16.20
C TYR A 92 14.59 -3.86 -15.45
N LEU A 93 15.86 -3.72 -15.81
CA LEU A 93 16.75 -2.71 -15.22
C LEU A 93 17.61 -2.30 -16.42
N VAL A 94 17.68 -1.01 -16.71
CA VAL A 94 18.43 -0.56 -17.85
C VAL A 94 19.57 0.32 -17.36
N ASP A 95 20.75 -0.05 -17.78
CA ASP A 95 21.96 0.65 -17.42
C ASP A 95 22.13 1.69 -18.50
N ARG A 96 21.58 2.87 -18.24
CA ARG A 96 21.63 3.98 -19.18
C ARG A 96 23.03 4.40 -19.61
N GLU A 97 24.01 4.11 -18.78
CA GLU A 97 25.39 4.46 -19.07
C GLU A 97 26.09 3.59 -20.11
N THR A 98 25.85 2.28 -20.05
CA THR A 98 26.48 1.34 -20.98
C THR A 98 25.55 0.74 -22.04
N GLY A 99 24.24 0.75 -21.80
CA GLY A 99 23.31 0.21 -22.78
C GLY A 99 22.82 -1.19 -22.46
N THR A 100 23.42 -1.82 -21.44
CA THR A 100 23.02 -3.16 -21.05
C THR A 100 21.60 -3.17 -20.48
N ILE A 101 20.84 -4.21 -20.82
CA ILE A 101 19.46 -4.38 -20.37
C ILE A 101 19.50 -5.67 -19.57
N PHE A 102 18.97 -5.63 -18.34
CA PHE A 102 18.91 -6.80 -17.45
C PHE A 102 17.43 -7.14 -17.17
N ASN A 103 17.06 -8.39 -17.34
CA ASN A 103 15.71 -8.86 -17.04
C ASN A 103 15.91 -9.86 -15.92
N PHE A 104 15.58 -9.45 -14.71
CA PHE A 104 15.66 -10.32 -13.51
C PHE A 104 14.37 -11.18 -13.41
N HIS A 105 14.46 -12.35 -12.77
CA HIS A 105 13.32 -13.25 -12.59
C HIS A 105 13.62 -14.45 -11.68
N VAL A 106 12.57 -15.14 -11.26
CA VAL A 106 12.64 -16.33 -10.41
C VAL A 106 12.94 -17.56 -11.28
N TYR A 107 13.88 -18.41 -10.85
CA TYR A 107 14.18 -19.67 -11.57
C TYR A 107 13.76 -20.79 -10.61
N SER A 108 12.72 -21.52 -10.97
CA SER A 108 12.20 -22.60 -10.13
C SER A 108 12.44 -23.98 -10.71
N GLN A 109 12.48 -24.96 -9.80
CA GLN A 109 12.69 -26.39 -10.07
C GLN A 109 11.57 -27.16 -9.32
N ARG A 110 11.77 -27.40 -8.03
CA ARG A 110 10.78 -28.13 -7.23
C ARG A 110 10.08 -27.28 -6.19
N GLN A 111 10.70 -26.18 -5.82
CA GLN A 111 10.11 -25.34 -4.81
C GLN A 111 9.83 -23.93 -5.32
N GLY A 112 8.82 -23.33 -4.70
CA GLY A 112 8.44 -21.96 -4.98
C GLY A 112 8.88 -21.13 -3.79
N PHE A 113 8.42 -19.89 -3.70
CA PHE A 113 8.79 -18.96 -2.63
C PHE A 113 8.60 -19.49 -1.19
N ALA A 114 7.42 -20.00 -0.88
CA ALA A 114 7.14 -20.53 0.46
C ALA A 114 7.73 -21.92 0.74
N GLY A 115 8.24 -22.58 -0.30
CA GLY A 115 8.79 -23.90 -0.11
C GLY A 115 10.31 -24.01 -0.24
N SER A 116 10.93 -22.95 -0.72
CA SER A 116 12.37 -22.93 -0.89
C SER A 116 13.05 -23.38 0.41
N ARG A 117 14.11 -24.20 0.25
CA ARG A 117 14.88 -24.76 1.35
C ARG A 117 16.23 -24.07 1.27
N PRO A 118 16.87 -23.80 2.43
CA PRO A 118 18.17 -23.13 2.52
C PRO A 118 19.18 -23.68 1.54
N GLY A 119 19.98 -22.77 0.99
CA GLY A 119 20.97 -23.18 0.03
C GLY A 119 21.10 -22.30 -1.18
N THR A 120 22.31 -22.27 -1.72
CA THR A 120 22.68 -21.47 -2.88
C THR A 120 23.16 -22.30 -4.09
N ASP A 121 23.09 -23.62 -3.97
CA ASP A 121 23.56 -24.50 -5.01
C ASP A 121 22.57 -24.50 -6.16
N PRO A 122 22.97 -23.93 -7.31
CA PRO A 122 22.13 -23.86 -8.51
C PRO A 122 21.46 -25.20 -8.80
N ALA A 123 22.17 -26.25 -8.44
CA ALA A 123 21.77 -27.61 -8.64
C ALA A 123 20.65 -28.09 -7.70
N ASP A 124 20.72 -27.70 -6.43
CA ASP A 124 19.70 -28.09 -5.44
C ASP A 124 18.33 -27.68 -6.02
N PRO A 125 17.49 -28.67 -6.38
CA PRO A 125 16.16 -28.33 -6.93
C PRO A 125 15.17 -27.80 -5.90
N ASN A 126 15.64 -27.58 -4.68
CA ASN A 126 14.78 -27.14 -3.59
C ASN A 126 14.93 -25.69 -3.16
N VAL A 127 15.68 -24.87 -3.89
CA VAL A 127 15.76 -23.47 -3.50
C VAL A 127 15.23 -22.67 -4.66
N LEU A 128 14.57 -21.56 -4.36
CA LEU A 128 14.07 -20.66 -5.39
C LEU A 128 15.29 -19.81 -5.80
N HIS A 129 15.84 -20.05 -6.97
CA HIS A 129 16.99 -19.29 -7.40
C HIS A 129 16.68 -17.94 -7.97
N ALA A 130 17.65 -17.05 -7.85
CA ALA A 130 17.58 -15.70 -8.33
C ALA A 130 18.37 -15.64 -9.64
N ASN A 131 17.69 -15.48 -10.76
CA ASN A 131 18.35 -15.41 -12.07
C ASN A 131 18.37 -13.99 -12.63
N VAL A 132 19.22 -13.79 -13.63
CA VAL A 132 19.34 -12.51 -14.34
C VAL A 132 19.66 -12.83 -15.79
N ALA A 133 18.90 -12.26 -16.72
CA ALA A 133 19.20 -12.44 -18.12
C ALA A 133 19.83 -11.10 -18.51
N THR A 134 20.96 -11.14 -19.20
CA THR A 134 21.65 -9.95 -19.64
C THR A 134 21.65 -9.93 -21.16
N SER A 135 21.48 -8.75 -21.73
CA SER A 135 21.47 -8.54 -23.17
C SER A 135 22.28 -7.28 -23.51
N THR A 136 23.14 -7.38 -24.53
CA THR A 136 23.99 -6.25 -24.95
C THR A 136 23.58 -5.70 -26.30
N ASP A 137 22.50 -6.27 -26.83
CA ASP A 137 21.96 -5.88 -28.12
C ASP A 137 20.51 -5.36 -28.04
N GLY A 138 20.22 -4.62 -26.98
CA GLY A 138 18.89 -4.06 -26.82
C GLY A 138 17.77 -5.02 -26.52
N GLY A 139 18.11 -6.22 -26.04
CA GLY A 139 17.08 -7.18 -25.73
C GLY A 139 16.89 -8.30 -26.74
N LEU A 140 17.52 -8.23 -27.90
CA LEU A 140 17.38 -9.31 -28.89
C LEU A 140 17.84 -10.67 -28.33
N THR A 141 19.10 -10.77 -27.87
CA THR A 141 19.62 -12.04 -27.35
C THR A 141 19.92 -11.84 -25.90
N TRP A 142 19.89 -12.93 -25.11
CA TRP A 142 20.16 -12.89 -23.66
C TRP A 142 21.21 -13.90 -23.17
N SER A 143 21.77 -13.61 -22.00
CA SER A 143 22.77 -14.44 -21.33
C SER A 143 22.26 -14.66 -19.89
N HIS A 144 22.04 -15.91 -19.51
CA HIS A 144 21.50 -16.16 -18.20
C HIS A 144 22.58 -16.52 -17.19
N ARG A 145 22.35 -16.11 -15.95
CA ARG A 145 23.25 -16.34 -14.84
C ARG A 145 22.37 -16.55 -13.64
N THR A 146 22.85 -17.37 -12.71
CA THR A 146 22.13 -17.61 -11.48
C THR A 146 23.01 -16.88 -10.49
N ILE A 147 22.43 -15.89 -9.80
CA ILE A 147 23.17 -15.08 -8.85
C ILE A 147 22.72 -15.31 -7.42
N THR A 148 22.11 -16.45 -7.14
CA THR A 148 21.59 -16.70 -5.80
C THR A 148 22.68 -16.60 -4.74
N ALA A 149 23.88 -17.04 -5.09
CA ALA A 149 25.00 -17.01 -4.14
C ALA A 149 25.56 -15.61 -3.92
N ASP A 150 25.58 -14.79 -4.99
CA ASP A 150 26.07 -13.41 -4.92
C ASP A 150 25.21 -12.58 -3.99
N ILE A 151 23.91 -12.88 -3.99
CA ILE A 151 22.96 -12.13 -3.18
C ILE A 151 22.43 -12.76 -1.89
N THR A 152 23.04 -13.83 -1.38
CA THR A 152 22.54 -14.45 -0.14
C THR A 152 23.63 -14.43 0.96
N PRO A 153 24.00 -13.22 1.42
CA PRO A 153 25.05 -13.06 2.45
C PRO A 153 24.83 -13.76 3.77
N ASP A 154 23.60 -14.22 4.01
CA ASP A 154 23.26 -14.87 5.25
C ASP A 154 22.64 -16.22 4.92
N PRO A 155 23.25 -17.32 5.41
CA PRO A 155 22.74 -18.67 5.15
C PRO A 155 21.26 -18.81 5.51
N GLY A 156 20.75 -17.84 6.27
CA GLY A 156 19.37 -17.82 6.68
C GLY A 156 18.38 -17.33 5.63
N TRP A 157 18.85 -16.63 4.59
CA TRP A 157 17.95 -16.17 3.53
C TRP A 157 17.52 -17.48 2.89
N ARG A 158 16.41 -18.03 3.39
CA ARG A 158 15.89 -19.30 2.90
C ARG A 158 15.23 -19.20 1.54
N SER A 159 14.67 -18.02 1.26
CA SER A 159 13.98 -17.83 0.01
C SER A 159 14.05 -16.41 -0.47
N ARG A 160 13.82 -16.22 -1.77
CA ARG A 160 13.84 -14.90 -2.39
C ARG A 160 13.29 -14.89 -3.81
N PHE A 161 13.00 -13.67 -4.28
CA PHE A 161 12.54 -13.41 -5.64
C PHE A 161 12.60 -11.91 -5.83
N ALA A 162 12.84 -11.51 -7.07
CA ALA A 162 12.94 -10.12 -7.43
C ALA A 162 11.55 -9.53 -7.65
N ALA A 163 11.30 -8.35 -7.08
CA ALA A 163 10.01 -7.69 -7.24
C ALA A 163 9.88 -7.19 -8.67
N SER A 164 8.89 -7.73 -9.39
CA SER A 164 8.59 -7.38 -10.77
C SER A 164 8.23 -5.92 -11.01
N GLY A 165 8.52 -5.50 -12.23
CA GLY A 165 8.26 -4.16 -12.65
C GLY A 165 9.52 -3.70 -13.34
N GLU A 166 10.31 -2.90 -12.63
CA GLU A 166 11.54 -2.37 -13.17
C GLU A 166 12.44 -1.73 -12.12
N GLY A 167 13.73 -2.06 -12.19
CA GLY A 167 14.74 -1.56 -11.26
C GLY A 167 15.21 -0.16 -11.59
N ILE A 168 16.34 0.28 -11.00
CA ILE A 168 16.87 1.63 -11.25
C ILE A 168 18.41 1.76 -11.42
N GLN A 169 18.87 2.93 -11.82
CA GLN A 169 20.30 3.24 -11.95
C GLN A 169 20.41 4.60 -11.27
N LEU A 170 21.20 4.70 -10.21
CA LEU A 170 21.37 5.97 -9.52
C LEU A 170 21.97 6.99 -10.47
N ARG A 171 21.61 8.27 -10.30
CA ARG A 171 22.12 9.36 -11.13
C ARG A 171 22.94 10.36 -10.30
N TYR A 172 22.49 10.56 -9.06
CA TYR A 172 23.08 11.51 -8.11
C TYR A 172 24.12 10.93 -7.14
N GLY A 173 24.87 11.83 -6.50
CA GLY A 173 25.84 11.43 -5.50
C GLY A 173 27.01 10.55 -5.90
N PRO A 174 27.72 9.98 -4.90
CA PRO A 174 28.91 9.10 -5.03
C PRO A 174 28.67 7.69 -5.52
N HIS A 175 27.41 7.31 -5.71
CA HIS A 175 27.06 5.98 -6.17
C HIS A 175 26.30 6.09 -7.48
N ALA A 176 26.41 7.26 -8.12
CA ALA A 176 25.75 7.52 -9.40
C ALA A 176 26.26 6.43 -10.31
N GLY A 177 25.36 5.71 -10.97
CA GLY A 177 25.77 4.63 -11.84
C GLY A 177 25.33 3.26 -11.33
N ARG A 178 25.15 3.12 -10.02
CA ARG A 178 24.71 1.87 -9.43
C ARG A 178 23.32 1.44 -9.90
N LEU A 179 23.16 0.14 -10.09
CA LEU A 179 21.92 -0.46 -10.52
C LEU A 179 21.29 -1.00 -9.26
N ILE A 180 19.98 -0.93 -9.15
CA ILE A 180 19.32 -1.44 -7.97
C ILE A 180 18.06 -2.16 -8.41
N GLN A 181 17.88 -3.35 -7.86
CA GLN A 181 16.74 -4.20 -8.13
C GLN A 181 16.31 -4.73 -6.76
N GLN A 182 15.04 -4.54 -6.41
CA GLN A 182 14.57 -4.97 -5.10
C GLN A 182 14.15 -6.41 -5.01
N TYR A 183 14.37 -6.99 -3.83
CA TYR A 183 14.00 -8.38 -3.55
C TYR A 183 13.21 -8.47 -2.24
N THR A 184 12.68 -9.66 -1.99
CA THR A 184 11.95 -10.00 -0.75
C THR A 184 12.57 -11.35 -0.32
N ILE A 185 13.07 -11.40 0.91
CA ILE A 185 13.69 -12.62 1.42
C ILE A 185 12.83 -13.20 2.51
N ILE A 186 13.14 -14.43 2.89
CA ILE A 186 12.46 -15.06 4.00
C ILE A 186 13.67 -15.36 4.85
N ASN A 187 13.80 -14.64 5.97
CA ASN A 187 14.95 -14.82 6.82
C ASN A 187 14.83 -16.10 7.67
N ALA A 188 15.80 -16.27 8.57
CA ALA A 188 15.86 -17.43 9.47
C ALA A 188 14.60 -17.58 10.33
N ALA A 189 14.12 -16.47 10.88
CA ALA A 189 12.94 -16.46 11.74
C ALA A 189 11.58 -16.54 11.01
N GLY A 190 11.59 -16.99 9.75
CA GLY A 190 10.37 -17.10 8.97
C GLY A 190 9.78 -15.76 8.51
N ALA A 191 10.51 -14.68 8.78
CA ALA A 191 10.04 -13.35 8.43
C ALA A 191 10.40 -12.90 7.00
N PHE A 192 9.51 -12.09 6.42
CA PHE A 192 9.67 -11.56 5.06
C PHE A 192 10.27 -10.18 5.14
N GLN A 193 11.35 -9.92 4.41
CA GLN A 193 12.00 -8.62 4.45
C GLN A 193 12.27 -8.06 3.07
N ALA A 194 12.72 -6.82 3.02
CA ALA A 194 13.02 -6.15 1.77
C ALA A 194 14.52 -5.97 1.74
N VAL A 195 15.15 -6.26 0.59
CA VAL A 195 16.60 -6.12 0.47
C VAL A 195 16.91 -5.60 -0.93
N SER A 196 17.81 -4.63 -1.02
CA SER A 196 18.23 -4.08 -2.31
C SER A 196 19.43 -4.86 -2.84
N VAL A 197 19.36 -5.26 -4.09
CA VAL A 197 20.43 -5.99 -4.74
C VAL A 197 21.03 -5.02 -5.74
N TYR A 198 22.32 -4.79 -5.62
CA TYR A 198 22.95 -3.81 -6.48
C TYR A 198 24.30 -4.18 -7.05
N SER A 199 24.65 -3.46 -8.09
CA SER A 199 25.91 -3.64 -8.80
C SER A 199 26.51 -2.26 -9.03
N ASP A 200 27.80 -2.16 -8.74
CA ASP A 200 28.54 -0.92 -8.93
C ASP A 200 29.43 -1.00 -10.20
N ASP A 201 29.49 -2.19 -10.78
CA ASP A 201 30.29 -2.46 -11.97
C ASP A 201 29.41 -2.83 -13.14
N HIS A 202 28.33 -2.11 -13.33
CA HIS A 202 27.43 -2.36 -14.46
C HIS A 202 26.95 -3.77 -14.61
N GLY A 203 26.62 -4.34 -13.48
CA GLY A 203 26.05 -5.67 -13.48
C GLY A 203 26.94 -6.87 -13.63
N ARG A 204 28.26 -6.71 -13.63
CA ARG A 204 29.07 -7.91 -13.73
C ARG A 204 28.93 -8.70 -12.44
N THR A 205 28.87 -8.01 -11.31
CA THR A 205 28.71 -8.65 -10.01
C THR A 205 27.59 -7.95 -9.27
N TRP A 206 26.80 -8.75 -8.56
CA TRP A 206 25.67 -8.25 -7.78
C TRP A 206 25.81 -8.65 -6.32
N ARG A 207 25.81 -7.68 -5.44
CA ARG A 207 25.90 -7.94 -4.02
C ARG A 207 24.57 -7.48 -3.43
N ALA A 208 24.21 -8.05 -2.28
CA ALA A 208 22.99 -7.69 -1.56
C ALA A 208 23.35 -6.77 -0.40
N GLY A 209 22.49 -5.79 -0.13
CA GLY A 209 22.71 -4.86 0.97
C GLY A 209 22.00 -5.29 2.23
N GLU A 210 21.69 -4.35 3.12
CA GLU A 210 21.00 -4.63 4.39
C GLU A 210 19.50 -4.74 4.27
N ALA A 211 18.95 -5.82 4.82
CA ALA A 211 17.52 -6.11 4.80
C ALA A 211 16.74 -5.16 5.72
N VAL A 212 15.46 -4.98 5.42
CA VAL A 212 14.58 -4.05 6.18
C VAL A 212 13.19 -4.58 6.47
N GLY A 213 12.69 -4.18 7.63
CA GLY A 213 11.35 -4.52 8.08
C GLY A 213 10.99 -5.97 8.34
N VAL A 214 9.71 -6.19 8.63
CA VAL A 214 9.12 -7.48 8.91
C VAL A 214 7.74 -7.35 8.25
N GLY A 215 7.25 -8.38 7.58
CA GLY A 215 5.95 -8.26 6.92
C GLY A 215 6.01 -7.47 5.60
N MET A 216 7.19 -7.48 4.99
CA MET A 216 7.44 -6.80 3.73
C MET A 216 7.07 -7.75 2.61
N ASP A 217 7.29 -7.34 1.37
CA ASP A 217 6.95 -8.16 0.23
C ASP A 217 7.42 -7.32 -0.95
N GLU A 218 6.95 -7.65 -2.14
CA GLU A 218 7.31 -6.97 -3.36
C GLU A 218 7.43 -5.51 -3.02
N ASN A 219 8.64 -4.98 -3.15
CA ASN A 219 8.93 -3.58 -2.82
C ASN A 219 9.56 -2.88 -4.01
N LYS A 220 9.48 -1.54 -4.01
CA LYS A 220 10.00 -0.70 -5.09
C LYS A 220 10.84 0.45 -4.53
N THR A 221 11.88 0.85 -5.24
CA THR A 221 12.74 1.94 -4.79
C THR A 221 12.82 3.08 -5.82
N VAL A 222 13.04 4.30 -5.34
CA VAL A 222 13.12 5.44 -6.24
C VAL A 222 14.20 6.39 -5.76
N GLU A 223 14.80 7.14 -6.68
CA GLU A 223 15.79 8.11 -6.30
C GLU A 223 15.12 9.51 -6.05
N LEU A 224 15.26 10.07 -4.84
CA LEU A 224 14.67 11.36 -4.50
C LEU A 224 15.46 12.52 -5.11
N SER A 225 14.96 13.74 -5.06
CA SER A 225 15.63 14.90 -5.67
C SER A 225 17.02 15.14 -5.10
N ASP A 226 17.28 14.56 -3.93
CA ASP A 226 18.55 14.72 -3.24
C ASP A 226 19.48 13.49 -3.13
N GLY A 227 19.18 12.41 -3.84
CA GLY A 227 20.01 11.23 -3.74
C GLY A 227 19.46 10.18 -2.79
N ARG A 228 18.56 10.57 -1.89
CA ARG A 228 17.96 9.63 -0.95
C ARG A 228 17.18 8.62 -1.79
N VAL A 229 17.13 7.38 -1.34
CA VAL A 229 16.43 6.34 -2.09
C VAL A 229 15.22 5.89 -1.26
N LEU A 230 14.03 6.21 -1.75
CA LEU A 230 12.82 5.86 -1.04
C LEU A 230 12.45 4.46 -1.47
N LEU A 231 11.90 3.72 -0.51
CA LEU A 231 11.47 2.34 -0.72
C LEU A 231 9.99 2.28 -0.39
N ASN A 232 9.21 1.75 -1.33
CA ASN A 232 7.77 1.62 -1.19
C ASN A 232 7.36 0.16 -1.29
N SER A 233 6.91 -0.38 -0.16
CA SER A 233 6.53 -1.78 -0.06
C SER A 233 5.05 -2.23 0.12
N ARG A 234 4.74 -3.38 -0.49
CA ARG A 234 3.46 -4.04 -0.32
C ARG A 234 3.57 -4.53 1.14
N ASP A 235 2.46 -4.67 1.84
CA ASP A 235 2.51 -5.09 3.25
C ASP A 235 1.96 -6.50 3.38
N SER A 236 2.80 -7.51 3.54
CA SER A 236 2.27 -8.86 3.65
C SER A 236 1.38 -9.03 4.88
N ALA A 237 1.60 -8.16 5.88
CA ALA A 237 0.83 -8.14 7.13
C ALA A 237 -0.54 -7.41 6.96
N ARG A 238 -0.96 -7.32 5.72
CA ARG A 238 -2.22 -6.71 5.35
C ARG A 238 -2.83 -5.57 6.20
N SER A 239 -2.25 -4.37 6.13
CA SER A 239 -2.86 -3.27 6.86
C SER A 239 -3.61 -2.35 5.89
N GLY A 240 -3.82 -2.77 4.64
CA GLY A 240 -4.47 -1.93 3.64
C GLY A 240 -3.65 -0.69 3.24
N TYR A 241 -2.32 -0.77 3.38
CA TYR A 241 -1.45 0.35 3.05
C TYR A 241 -0.08 -0.08 2.58
N ARG A 242 0.69 0.90 2.11
CA ARG A 242 2.05 0.69 1.65
C ARG A 242 2.97 1.10 2.77
N LYS A 243 4.03 0.32 2.99
CA LYS A 243 5.02 0.63 4.03
C LYS A 243 6.09 1.35 3.26
N VAL A 244 6.79 2.28 3.89
CA VAL A 244 7.86 3.02 3.24
C VAL A 244 9.07 3.14 4.19
N ALA A 245 10.27 3.16 3.62
CA ALA A 245 11.51 3.30 4.38
C ALA A 245 12.42 4.15 3.50
N VAL A 246 13.41 4.79 4.09
CA VAL A 246 14.32 5.59 3.28
C VAL A 246 15.78 5.31 3.59
N SER A 247 16.61 5.47 2.58
CA SER A 247 18.03 5.22 2.69
C SER A 247 18.78 6.43 2.22
N THR A 248 19.94 6.62 2.81
CA THR A 248 20.81 7.71 2.49
C THR A 248 22.20 7.19 2.13
N ASP A 249 22.34 5.93 1.70
CA ASP A 249 23.67 5.41 1.42
C ASP A 249 24.04 4.56 0.19
N GLY A 250 25.22 3.94 0.30
CA GLY A 250 25.81 3.07 -0.71
C GLY A 250 26.60 1.92 -0.06
N GLY A 251 25.79 0.99 0.48
CA GLY A 251 26.19 -0.24 1.19
C GLY A 251 24.86 -0.58 1.87
N HIS A 252 23.85 -0.03 1.15
CA HIS A 252 22.41 0.07 1.39
C HIS A 252 21.70 -0.40 2.62
N SER A 253 21.16 0.58 3.31
CA SER A 253 20.38 0.37 4.52
C SER A 253 19.29 1.45 4.55
N TYR A 254 18.13 1.10 5.07
CA TYR A 254 17.03 2.04 5.15
C TYR A 254 16.73 2.32 6.63
N GLY A 255 16.07 3.43 6.92
CA GLY A 255 15.75 3.70 8.31
C GLY A 255 14.56 2.86 8.70
N PRO A 256 13.77 3.29 9.70
CA PRO A 256 12.61 2.51 10.09
C PRO A 256 11.53 2.52 9.02
N VAL A 257 10.76 1.43 9.00
CA VAL A 257 9.66 1.26 8.09
C VAL A 257 8.46 1.82 8.83
N THR A 258 7.62 2.56 8.13
CA THR A 258 6.39 3.07 8.71
C THR A 258 5.32 2.86 7.63
N ILE A 259 4.05 3.04 7.98
CA ILE A 259 2.91 2.89 7.06
C ILE A 259 2.49 4.24 6.49
N ASP A 260 2.24 4.32 5.20
CA ASP A 260 1.79 5.57 4.61
C ASP A 260 0.27 5.49 4.50
N ARG A 261 -0.44 6.36 5.21
CA ARG A 261 -1.90 6.35 5.23
C ARG A 261 -2.55 6.94 3.98
N ASP A 262 -1.75 7.59 3.15
CA ASP A 262 -2.26 8.19 1.91
C ASP A 262 -2.18 7.15 0.81
N LEU A 263 -1.60 5.99 1.14
CA LEU A 263 -1.46 4.93 0.16
C LEU A 263 -2.30 3.72 0.44
N PRO A 264 -3.62 3.80 0.19
CA PRO A 264 -4.44 2.63 0.43
C PRO A 264 -3.96 1.59 -0.57
N ASP A 265 -3.81 0.34 -0.12
CA ASP A 265 -3.32 -0.78 -0.94
C ASP A 265 -3.92 -2.08 -0.46
N PRO A 266 -4.45 -2.88 -1.39
CA PRO A 266 -5.06 -4.16 -1.02
C PRO A 266 -4.04 -5.25 -0.75
N THR A 267 -2.78 -4.84 -0.49
CA THR A 267 -1.64 -5.75 -0.31
C THR A 267 -1.40 -6.34 -1.73
N ASN A 268 -0.88 -5.49 -2.60
CA ASN A 268 -0.66 -5.88 -4.00
C ASN A 268 0.64 -5.21 -4.43
N ASN A 269 1.07 -5.44 -5.67
CA ASN A 269 2.29 -4.79 -6.14
C ASN A 269 1.89 -3.36 -6.58
N ALA A 270 2.86 -2.47 -6.69
CA ALA A 270 2.58 -1.10 -7.09
C ALA A 270 3.81 -0.53 -7.74
N SER A 271 3.65 0.56 -8.46
CA SER A 271 4.77 1.17 -9.14
C SER A 271 4.99 2.59 -8.65
N ILE A 272 6.26 3.00 -8.59
CA ILE A 272 6.61 4.35 -8.20
C ILE A 272 7.89 4.74 -8.97
N ILE A 273 7.79 5.78 -9.80
CA ILE A 273 8.88 6.27 -10.64
C ILE A 273 9.11 7.77 -10.53
N ARG A 274 10.24 8.22 -11.09
CA ARG A 274 10.56 9.66 -11.13
C ARG A 274 9.88 10.14 -12.40
N ALA A 275 9.06 11.18 -12.29
CA ALA A 275 8.36 11.69 -13.45
C ALA A 275 9.27 12.33 -14.49
N PHE A 276 10.36 12.97 -14.03
CA PHE A 276 11.41 13.61 -14.89
C PHE A 276 12.74 13.05 -14.44
N PRO A 277 13.10 11.84 -14.95
CA PRO A 277 14.34 11.08 -14.66
C PRO A 277 15.67 11.80 -14.77
N ASP A 278 15.80 12.68 -15.74
CA ASP A 278 17.02 13.43 -15.99
C ASP A 278 17.05 14.85 -15.40
N ALA A 279 16.15 15.14 -14.46
CA ALA A 279 16.14 16.45 -13.85
C ALA A 279 17.37 16.45 -12.93
N PRO A 280 17.94 17.62 -12.69
CA PRO A 280 19.12 17.74 -11.82
C PRO A 280 18.74 17.68 -10.32
N ALA A 281 19.70 17.28 -9.49
CA ALA A 281 19.40 17.19 -8.08
C ALA A 281 18.89 18.52 -7.51
N GLY A 282 17.96 18.44 -6.56
CA GLY A 282 17.42 19.64 -5.90
C GLY A 282 16.32 20.42 -6.62
N SER A 283 16.32 20.37 -7.95
CA SER A 283 15.33 21.05 -8.77
C SER A 283 13.95 20.54 -8.45
N ALA A 284 12.93 21.29 -8.88
CA ALA A 284 11.52 20.93 -8.68
C ALA A 284 11.10 19.72 -9.53
N ARG A 285 11.66 19.57 -10.71
CA ARG A 285 11.35 18.43 -11.59
C ARG A 285 11.85 17.08 -11.03
N ALA A 286 12.94 17.13 -10.26
CA ALA A 286 13.51 15.93 -9.63
C ALA A 286 12.64 15.46 -8.44
N LYS A 287 11.76 16.35 -7.95
CA LYS A 287 10.85 16.09 -6.84
C LYS A 287 9.50 15.48 -7.24
N VAL A 288 9.26 15.25 -8.53
CA VAL A 288 7.98 14.72 -8.99
C VAL A 288 7.88 13.21 -9.14
N LEU A 289 7.00 12.61 -8.34
CA LEU A 289 6.76 11.17 -8.37
C LEU A 289 5.40 10.77 -8.91
N LEU A 290 5.40 9.60 -9.55
CA LEU A 290 4.20 9.02 -10.10
C LEU A 290 4.14 7.65 -9.45
N PHE A 291 2.94 7.28 -8.99
CA PHE A 291 2.71 6.03 -8.32
C PHE A 291 1.42 5.43 -8.86
N SER A 292 1.43 4.15 -9.20
CA SER A 292 0.21 3.49 -9.66
C SER A 292 0.03 2.29 -8.76
N ASN A 293 -1.21 1.95 -8.45
CA ASN A 293 -1.54 0.81 -7.60
C ASN A 293 -3.05 0.72 -7.66
N ALA A 294 -3.62 -0.22 -6.90
CA ALA A 294 -5.07 -0.42 -6.82
C ALA A 294 -5.50 0.31 -5.55
N ALA A 295 -6.27 1.38 -5.70
CA ALA A 295 -6.69 2.17 -4.54
C ALA A 295 -7.56 1.47 -3.52
N SER A 296 -8.18 0.38 -3.93
CA SER A 296 -9.03 -0.37 -3.01
C SER A 296 -8.22 -1.17 -2.01
N GLN A 297 -8.63 -1.12 -0.76
CA GLN A 297 -7.96 -1.86 0.31
C GLN A 297 -8.55 -3.29 0.56
N THR A 298 -9.73 -3.54 0.02
CA THR A 298 -10.43 -4.82 0.17
C THR A 298 -10.46 -5.54 -1.18
N SER A 299 -10.03 -4.85 -2.23
CA SER A 299 -10.04 -5.45 -3.56
C SER A 299 -8.93 -5.00 -4.52
N ARG A 300 -8.69 -5.84 -5.52
CA ARG A 300 -7.71 -5.55 -6.55
C ARG A 300 -8.48 -4.91 -7.64
N SER A 301 -8.89 -3.67 -7.41
CA SER A 301 -9.64 -2.88 -8.39
C SER A 301 -9.38 -1.41 -8.07
N GLN A 302 -9.94 -0.52 -8.88
CA GLN A 302 -9.77 0.92 -8.73
C GLN A 302 -8.33 1.35 -8.94
N GLY A 303 -7.79 1.03 -10.11
CA GLY A 303 -6.44 1.41 -10.47
C GLY A 303 -6.37 2.92 -10.61
N THR A 304 -5.50 3.54 -9.83
CA THR A 304 -5.39 4.99 -9.81
C THR A 304 -3.94 5.41 -9.86
N ILE A 305 -3.66 6.45 -10.63
CA ILE A 305 -2.32 6.98 -10.74
C ILE A 305 -2.31 8.23 -9.86
N ARG A 306 -1.34 8.30 -8.94
CA ARG A 306 -1.16 9.42 -8.02
C ARG A 306 0.12 10.18 -8.32
N MET A 307 0.13 11.49 -8.03
CA MET A 307 1.31 12.33 -8.25
C MET A 307 1.75 13.07 -7.00
N SER A 308 3.06 13.12 -6.78
CA SER A 308 3.64 13.83 -5.64
C SER A 308 4.54 14.93 -6.20
N CYS A 309 4.65 16.04 -5.49
CA CYS A 309 5.45 17.14 -6.00
C CYS A 309 6.49 17.61 -4.99
N ASP A 310 6.68 16.82 -3.93
CA ASP A 310 7.65 17.14 -2.88
C ASP A 310 8.40 15.89 -2.39
N ASP A 311 8.81 15.03 -3.33
CA ASP A 311 9.56 13.81 -3.02
C ASP A 311 8.75 12.79 -2.27
N GLY A 312 7.44 12.77 -2.44
CA GLY A 312 6.62 11.77 -1.78
C GLY A 312 6.11 12.03 -0.38
N GLN A 313 6.13 13.28 0.04
CA GLN A 313 5.60 13.62 1.35
C GLN A 313 4.08 13.81 1.26
N THR A 314 3.64 14.39 0.14
CA THR A 314 2.23 14.63 -0.12
C THR A 314 1.86 14.02 -1.44
N TRP A 315 0.61 13.59 -1.57
CA TRP A 315 0.10 12.95 -2.78
C TRP A 315 -1.27 13.56 -3.14
N PRO A 316 -1.31 14.85 -3.54
CA PRO A 316 -2.53 15.57 -3.91
C PRO A 316 -3.20 15.17 -5.21
N VAL A 317 -2.42 14.79 -6.22
CA VAL A 317 -3.04 14.41 -7.48
C VAL A 317 -3.38 12.91 -7.54
N SER A 318 -4.45 12.59 -8.25
CA SER A 318 -4.87 11.21 -8.38
C SER A 318 -5.92 11.11 -9.46
N LYS A 319 -5.99 9.96 -10.10
CA LYS A 319 -6.96 9.73 -11.17
C LYS A 319 -7.06 8.24 -11.36
N VAL A 320 -8.25 7.78 -11.69
CA VAL A 320 -8.47 6.37 -11.88
C VAL A 320 -8.28 6.07 -13.37
N PHE A 321 -7.45 5.06 -13.65
CA PHE A 321 -7.22 4.63 -15.01
C PHE A 321 -8.03 3.34 -15.27
N GLN A 322 -8.34 2.62 -14.19
CA GLN A 322 -9.10 1.37 -14.28
C GLN A 322 -9.94 1.23 -13.02
N PRO A 323 -11.23 1.61 -13.09
CA PRO A 323 -12.16 1.53 -11.96
C PRO A 323 -12.46 0.09 -11.64
N GLY A 324 -12.47 -0.71 -12.68
CA GLY A 324 -12.72 -2.13 -12.54
C GLY A 324 -11.52 -2.90 -12.02
N SER A 325 -11.42 -4.17 -12.40
CA SER A 325 -10.34 -5.03 -11.93
C SER A 325 -8.94 -4.60 -12.37
N MET A 326 -8.09 -4.41 -11.37
CA MET A 326 -6.75 -4.00 -11.60
C MET A 326 -5.83 -4.60 -10.54
N SER A 327 -4.88 -5.44 -10.95
CA SER A 327 -3.97 -6.05 -10.01
C SER A 327 -2.56 -5.43 -10.06
N TYR A 328 -1.63 -6.09 -10.76
CA TYR A 328 -0.28 -5.56 -10.85
C TYR A 328 -0.18 -4.46 -11.88
N SER A 329 0.55 -3.40 -11.55
CA SER A 329 0.72 -2.32 -12.50
C SER A 329 2.18 -1.86 -12.41
N THR A 330 2.75 -1.51 -13.56
CA THR A 330 4.14 -1.06 -13.62
C THR A 330 4.25 0.16 -14.55
N LEU A 331 5.02 1.16 -14.15
CA LEU A 331 5.20 2.36 -14.94
C LEU A 331 6.57 2.57 -15.59
N THR A 332 6.59 3.40 -16.64
CA THR A 332 7.85 3.76 -17.28
C THR A 332 7.75 5.11 -18.00
N ALA A 333 8.82 5.88 -17.90
CA ALA A 333 8.90 7.19 -18.53
C ALA A 333 9.26 7.00 -20.00
N LEU A 334 8.41 7.50 -20.90
CA LEU A 334 8.68 7.36 -22.31
C LEU A 334 9.56 8.52 -22.78
N PRO A 335 10.40 8.29 -23.78
CA PRO A 335 11.31 9.30 -24.33
C PRO A 335 10.60 10.51 -24.96
N ASP A 336 9.31 10.34 -25.26
CA ASP A 336 8.51 11.40 -25.84
C ASP A 336 7.81 12.30 -24.83
N GLY A 337 7.97 12.00 -23.55
CA GLY A 337 7.34 12.81 -22.54
C GLY A 337 6.18 12.19 -21.83
N THR A 338 5.60 11.15 -22.44
CA THR A 338 4.46 10.48 -21.83
C THR A 338 4.94 9.38 -20.85
N TYR A 339 4.05 8.53 -20.39
CA TYR A 339 4.41 7.47 -19.46
C TYR A 339 3.74 6.22 -20.00
N GLY A 340 4.42 5.09 -19.88
CA GLY A 340 3.86 3.83 -20.35
C GLY A 340 3.48 3.07 -19.11
N LEU A 341 2.28 2.50 -19.11
CA LEU A 341 1.74 1.71 -18.00
C LEU A 341 1.35 0.34 -18.58
N LEU A 342 1.82 -0.72 -17.95
CA LEU A 342 1.54 -2.09 -18.39
C LEU A 342 0.92 -2.69 -17.16
N TYR A 343 -0.28 -3.23 -17.29
CA TYR A 343 -0.95 -3.77 -16.12
C TYR A 343 -1.75 -5.03 -16.36
N GLU A 344 -2.35 -5.52 -15.27
CA GLU A 344 -3.20 -6.72 -15.31
C GLU A 344 -4.68 -6.39 -15.14
N PRO A 345 -5.41 -6.30 -16.26
CA PRO A 345 -6.83 -6.00 -16.22
C PRO A 345 -7.71 -7.21 -15.97
N GLY A 346 -7.09 -8.36 -15.69
CA GLY A 346 -7.85 -9.56 -15.46
C GLY A 346 -7.96 -10.44 -16.69
N THR A 347 -7.80 -9.86 -17.89
CA THR A 347 -7.85 -10.59 -19.17
C THR A 347 -6.45 -11.05 -19.69
N GLY A 348 -5.39 -10.58 -19.04
CA GLY A 348 -4.03 -10.89 -19.44
C GLY A 348 -3.21 -9.68 -19.04
N ILE A 349 -2.48 -9.08 -19.99
CA ILE A 349 -1.71 -7.88 -19.71
C ILE A 349 -2.03 -6.80 -20.76
N ARG A 350 -2.32 -5.60 -20.28
CA ARG A 350 -2.69 -4.55 -21.17
C ARG A 350 -1.68 -3.46 -21.07
N TYR A 351 -1.56 -2.69 -22.16
CA TYR A 351 -0.63 -1.58 -22.27
C TYR A 351 -1.40 -0.24 -22.38
N ALA A 352 -0.99 0.76 -21.60
CA ALA A 352 -1.61 2.07 -21.61
C ALA A 352 -0.54 3.16 -21.69
N ASN A 353 -0.92 4.30 -22.27
CA ASN A 353 -0.03 5.45 -22.43
C ASN A 353 -0.84 6.68 -22.04
N PHE A 354 -0.29 7.52 -21.19
CA PHE A 354 -1.00 8.70 -20.80
C PHE A 354 -0.01 9.82 -20.66
N ASN A 355 -0.51 11.05 -20.58
CA ASN A 355 0.38 12.18 -20.38
C ASN A 355 -0.10 12.92 -19.14
N LEU A 356 0.68 13.88 -18.65
CA LEU A 356 0.28 14.61 -17.45
C LEU A 356 -0.98 15.47 -17.53
N ALA A 357 -1.29 15.93 -18.74
CA ALA A 357 -2.48 16.73 -18.99
C ALA A 357 -3.72 15.90 -18.63
N TRP A 358 -3.61 14.59 -18.85
CA TRP A 358 -4.68 13.67 -18.57
C TRP A 358 -4.82 13.34 -17.08
N LEU A 359 -3.85 13.70 -16.25
CA LEU A 359 -3.99 13.38 -14.85
C LEU A 359 -4.85 14.32 -13.99
N GLY A 360 -4.97 15.58 -14.39
CA GLY A 360 -5.74 16.50 -13.58
C GLY A 360 -4.72 17.56 -13.29
N GLY A 361 -4.14 17.63 -12.10
CA GLY A 361 -3.14 18.69 -11.92
C GLY A 361 -2.78 19.32 -10.59
N ILE A 362 -2.32 20.56 -10.70
CA ILE A 362 -1.86 21.38 -9.60
C ILE A 362 -1.23 20.71 -8.42
N CYS A 363 0.06 20.97 -8.29
CA CYS A 363 0.79 20.46 -7.18
C CYS A 363 0.45 21.33 -6.01
N ALA A 364 -0.80 21.30 -5.55
CA ALA A 364 -1.16 22.12 -4.39
C ALA A 364 -1.71 21.31 -3.23
N PRO A 365 -0.85 20.49 -2.60
CA PRO A 365 -1.38 19.69 -1.49
C PRO A 365 -1.99 20.62 -0.45
N PHE A 366 -3.11 20.21 0.15
CA PHE A 366 -3.75 21.00 1.20
C PHE A 366 -4.25 20.16 2.35
N THR A 367 -4.37 20.79 3.51
CA THR A 367 -4.84 20.09 4.67
C THR A 367 -6.01 20.78 5.33
N ILE A 368 -6.88 19.96 5.93
CA ILE A 368 -8.06 20.38 6.66
C ILE A 368 -8.11 19.43 7.86
N PRO A 369 -7.98 19.96 9.08
CA PRO A 369 -8.02 19.13 10.30
C PRO A 369 -9.30 18.28 10.54
N ASP A 370 -9.16 17.31 11.42
CA ASP A 370 -10.26 16.43 11.78
C ASP A 370 -11.14 17.13 12.80
N VAL A 371 -12.45 17.09 12.59
CA VAL A 371 -13.40 17.76 13.48
C VAL A 371 -14.33 16.86 14.27
N ALA A 372 -14.53 17.21 15.54
CA ALA A 372 -15.42 16.48 16.41
C ALA A 372 -16.50 17.48 16.84
N LEU A 373 -17.77 17.09 16.72
CA LEU A 373 -18.86 17.98 17.11
C LEU A 373 -20.09 17.19 17.55
N GLU A 374 -21.05 17.90 18.15
CA GLU A 374 -22.31 17.30 18.56
C GLU A 374 -23.35 17.52 17.45
N PRO A 375 -24.21 16.53 17.20
CA PRO A 375 -25.26 16.62 16.17
C PRO A 375 -26.12 17.88 16.30
N GLY A 376 -26.31 18.58 15.20
CA GLY A 376 -27.07 19.81 15.21
C GLY A 376 -26.17 21.02 15.44
N GLN A 377 -24.88 20.88 15.15
CA GLN A 377 -23.96 21.98 15.36
C GLN A 377 -23.28 22.43 14.08
N GLN A 378 -22.74 23.64 14.12
CA GLN A 378 -22.04 24.17 12.97
C GLN A 378 -20.61 24.44 13.37
N VAL A 379 -19.69 23.97 12.54
CA VAL A 379 -18.27 24.14 12.82
C VAL A 379 -17.54 24.63 11.57
N THR A 380 -16.60 25.54 11.79
CA THR A 380 -15.78 26.08 10.71
C THR A 380 -14.32 25.70 11.00
N VAL A 381 -13.68 25.04 10.02
CA VAL A 381 -12.29 24.58 10.13
C VAL A 381 -11.45 25.18 9.01
N PRO A 382 -10.21 25.60 9.32
CA PRO A 382 -9.31 26.20 8.35
C PRO A 382 -8.66 25.22 7.37
N VAL A 383 -8.40 25.71 6.16
CA VAL A 383 -7.77 24.96 5.10
C VAL A 383 -6.40 25.60 4.87
N ALA A 384 -5.37 24.79 4.67
CA ALA A 384 -4.03 25.31 4.44
C ALA A 384 -3.57 24.68 3.13
N VAL A 385 -3.27 25.50 2.14
CA VAL A 385 -2.84 25.03 0.84
C VAL A 385 -1.41 25.44 0.59
N THR A 386 -0.63 24.54 0.00
CA THR A 386 0.76 24.84 -0.26
C THR A 386 0.95 24.73 -1.75
N ASN A 387 1.25 25.87 -2.36
CA ASN A 387 1.40 25.99 -3.79
C ASN A 387 2.77 25.79 -4.48
N GLN A 388 2.71 25.28 -5.71
CA GLN A 388 3.83 24.99 -6.71
C GLN A 388 4.03 26.14 -7.80
N SER A 389 4.74 25.76 -8.87
CA SER A 389 5.18 26.59 -10.01
C SER A 389 4.32 27.69 -10.65
N GLY A 390 3.92 27.49 -11.90
CA GLY A 390 3.12 28.47 -12.60
C GLY A 390 1.77 28.46 -11.92
N ILE A 391 1.74 28.91 -10.67
CA ILE A 391 0.51 28.88 -9.95
C ILE A 391 0.07 30.15 -9.28
N ALA A 392 -0.44 31.04 -10.12
CA ALA A 392 -1.06 32.26 -9.64
C ALA A 392 -2.50 31.92 -10.10
N VAL A 393 -3.28 31.33 -9.20
CA VAL A 393 -4.67 30.97 -9.54
C VAL A 393 -5.59 31.87 -8.68
N PRO A 394 -6.12 32.96 -9.27
CA PRO A 394 -6.99 33.89 -8.55
C PRO A 394 -8.34 33.32 -8.15
N LYS A 395 -8.80 32.30 -8.86
CA LYS A 395 -10.09 31.69 -8.56
C LYS A 395 -10.18 30.15 -8.38
N PRO A 396 -9.72 29.63 -7.21
CA PRO A 396 -9.76 28.20 -6.90
C PRO A 396 -11.08 27.89 -6.17
N SER A 397 -11.60 26.68 -6.28
CA SER A 397 -12.85 26.31 -5.65
C SER A 397 -12.61 25.20 -4.67
N LEU A 398 -13.58 24.95 -3.80
CA LEU A 398 -13.50 23.87 -2.83
C LEU A 398 -14.83 23.11 -2.78
N GLN A 399 -14.83 21.95 -3.43
CA GLN A 399 -15.94 21.03 -3.49
C GLN A 399 -15.79 19.93 -2.43
N LEU A 400 -16.58 19.99 -1.37
CA LEU A 400 -16.56 18.96 -0.33
C LEU A 400 -17.49 17.77 -0.72
N ASP A 401 -17.20 16.59 -0.17
CA ASP A 401 -17.95 15.35 -0.43
C ASP A 401 -18.36 14.68 0.89
N ALA A 402 -19.65 14.78 1.20
CA ALA A 402 -20.21 14.22 2.43
C ALA A 402 -21.62 13.64 2.22
N SER A 403 -22.31 13.38 3.33
CA SER A 403 -23.70 12.87 3.33
C SER A 403 -24.67 13.98 2.84
N PRO A 404 -25.64 13.64 1.97
CA PRO A 404 -26.64 14.58 1.41
C PRO A 404 -27.29 15.62 2.34
N ASP A 405 -27.72 15.20 3.54
CA ASP A 405 -28.32 16.13 4.50
C ASP A 405 -27.32 16.79 5.46
N TRP A 406 -26.10 16.94 4.95
CA TRP A 406 -25.02 17.58 5.63
C TRP A 406 -24.71 18.81 4.77
N GLN A 407 -24.66 19.96 5.40
CA GLN A 407 -24.35 21.19 4.70
C GLN A 407 -22.88 21.44 4.92
N VAL A 408 -22.13 21.35 3.83
CA VAL A 408 -20.69 21.53 3.85
C VAL A 408 -20.34 22.55 2.77
N GLN A 409 -19.60 23.59 3.17
CA GLN A 409 -19.15 24.63 2.27
C GLN A 409 -17.72 25.01 2.62
N GLY A 410 -16.97 25.46 1.64
CA GLY A 410 -15.60 25.83 1.90
C GLY A 410 -15.09 26.85 0.93
N SER A 411 -14.07 27.57 1.35
CA SER A 411 -13.50 28.59 0.49
C SER A 411 -12.00 28.65 0.74
N VAL A 412 -11.28 29.12 -0.27
CA VAL A 412 -9.83 29.28 -0.21
C VAL A 412 -9.48 30.59 -0.93
N GLU A 413 -8.58 31.36 -0.35
CA GLU A 413 -8.17 32.60 -0.99
C GLU A 413 -7.31 32.15 -2.17
N PRO A 414 -6.94 33.08 -3.06
CA PRO A 414 -6.14 32.74 -4.25
C PRO A 414 -4.75 32.17 -3.99
N LEU A 415 -4.31 31.37 -4.95
CA LEU A 415 -3.01 30.74 -4.92
C LEU A 415 -1.98 31.63 -5.64
N MET A 416 -0.89 31.91 -4.97
CA MET A 416 0.19 32.74 -5.51
C MET A 416 1.42 31.86 -5.63
N PRO A 417 2.23 32.04 -6.68
CA PRO A 417 3.44 31.24 -6.91
C PRO A 417 4.22 30.93 -5.64
N GLY A 418 4.45 29.63 -5.39
CA GLY A 418 5.18 29.22 -4.20
C GLY A 418 4.80 29.84 -2.84
N ARG A 419 3.48 29.99 -2.60
CA ARG A 419 2.97 30.58 -1.35
C ARG A 419 1.90 29.71 -0.73
N GLN A 420 1.65 29.94 0.56
CA GLN A 420 0.64 29.19 1.28
C GLN A 420 -0.68 29.95 1.30
N ALA A 421 -1.77 29.25 0.97
CA ALA A 421 -3.09 29.86 0.94
C ALA A 421 -3.92 29.39 2.11
N LYS A 422 -4.95 30.17 2.43
CA LYS A 422 -5.85 29.89 3.54
C LYS A 422 -7.29 29.79 3.03
N GLY A 423 -8.14 29.16 3.83
CA GLY A 423 -9.56 29.01 3.50
C GLY A 423 -10.24 28.41 4.70
N GLN A 424 -11.46 27.93 4.54
CA GLN A 424 -12.19 27.33 5.64
C GLN A 424 -13.38 26.51 5.18
N VAL A 425 -13.77 25.55 6.01
CA VAL A 425 -14.86 24.64 5.71
C VAL A 425 -15.90 24.72 6.81
N THR A 426 -17.13 24.96 6.42
CA THR A 426 -18.24 25.02 7.34
C THR A 426 -19.12 23.77 7.14
N ILE A 427 -19.17 22.96 8.20
CA ILE A 427 -19.95 21.75 8.21
C ILE A 427 -21.11 22.01 9.16
N THR A 428 -22.27 21.52 8.78
CA THR A 428 -23.46 21.61 9.58
C THR A 428 -24.03 20.19 9.51
N VAL A 429 -24.18 19.55 10.68
CA VAL A 429 -24.73 18.21 10.75
C VAL A 429 -26.06 18.18 11.53
N PRO A 430 -27.10 17.59 10.93
CA PRO A 430 -28.44 17.47 11.50
C PRO A 430 -28.47 16.76 12.83
N ALA A 431 -29.54 17.01 13.57
CA ALA A 431 -29.72 16.46 14.90
C ALA A 431 -30.01 14.98 14.92
N GLY A 432 -30.51 14.44 13.80
CA GLY A 432 -30.79 13.01 13.77
C GLY A 432 -29.60 12.24 13.23
N THR A 433 -28.41 12.83 13.33
CA THR A 433 -27.22 12.20 12.82
C THR A 433 -26.64 11.20 13.79
N THR A 434 -26.62 9.97 13.32
CA THR A 434 -26.12 8.82 14.04
C THR A 434 -24.66 9.01 14.38
N PRO A 435 -24.29 8.63 15.60
CA PRO A 435 -22.91 8.77 16.04
C PRO A 435 -21.72 8.34 15.17
N GLY A 436 -20.75 9.24 15.19
CA GLY A 436 -19.42 9.18 14.59
C GLY A 436 -18.85 8.44 13.39
N ARG A 437 -17.57 8.76 13.16
CA ARG A 437 -16.71 8.24 12.09
C ARG A 437 -17.17 8.55 10.66
N TYR A 438 -16.92 9.82 10.28
CA TYR A 438 -17.26 10.33 8.95
C TYR A 438 -16.13 10.96 8.16
N ARG A 439 -15.93 10.36 6.99
CA ARG A 439 -14.93 10.71 6.00
C ARG A 439 -15.51 11.77 5.06
N VAL A 440 -14.82 12.91 4.94
CA VAL A 440 -15.30 13.96 4.04
C VAL A 440 -14.24 14.25 2.97
N GLY A 441 -14.62 14.13 1.70
CA GLY A 441 -13.65 14.39 0.66
C GLY A 441 -13.63 15.86 0.31
N ALA A 442 -12.45 16.44 0.12
CA ALA A 442 -12.35 17.84 -0.28
C ALA A 442 -11.68 17.83 -1.64
N THR A 443 -12.14 18.66 -2.56
CA THR A 443 -11.50 18.73 -3.88
C THR A 443 -11.21 20.17 -4.30
N LEU A 444 -9.93 20.54 -4.35
CA LEU A 444 -9.51 21.88 -4.78
C LEU A 444 -9.55 22.02 -6.32
N ARG A 445 -10.66 22.59 -6.82
CA ARG A 445 -10.85 22.79 -8.25
C ARG A 445 -10.14 24.09 -8.65
N THR A 446 -9.38 24.01 -9.73
CA THR A 446 -8.58 25.11 -10.24
C THR A 446 -8.54 24.95 -11.75
N SER A 447 -8.27 26.03 -12.48
CA SER A 447 -8.18 25.96 -13.94
C SER A 447 -6.81 25.44 -14.44
N ALA A 448 -5.96 25.02 -13.50
CA ALA A 448 -4.63 24.48 -13.79
C ALA A 448 -4.52 23.03 -13.28
N GLY A 449 -5.67 22.44 -12.90
CA GLY A 449 -5.71 21.08 -12.38
C GLY A 449 -6.40 20.89 -11.02
N ASN A 450 -6.46 19.62 -10.58
CA ASN A 450 -7.07 19.20 -9.29
C ASN A 450 -6.06 18.90 -8.19
N ALA A 451 -6.53 18.95 -6.95
CA ALA A 451 -5.77 18.61 -5.76
C ALA A 451 -6.87 18.14 -4.77
N SER A 452 -6.72 16.96 -4.16
CA SER A 452 -7.75 16.47 -3.22
C SER A 452 -7.23 15.88 -1.92
N THR A 453 -8.07 15.95 -0.89
CA THR A 453 -7.72 15.42 0.43
C THR A 453 -8.98 14.91 1.11
N THR A 454 -8.81 14.43 2.33
CA THR A 454 -9.89 13.90 3.16
C THR A 454 -9.60 14.16 4.63
N PHE A 455 -10.64 14.54 5.36
CA PHE A 455 -10.51 14.76 6.77
C PHE A 455 -11.63 13.98 7.36
N THR A 456 -11.72 14.00 8.68
CA THR A 456 -12.74 13.24 9.38
C THR A 456 -13.57 14.11 10.30
N VAL A 457 -14.86 13.86 10.30
CA VAL A 457 -15.79 14.57 11.14
C VAL A 457 -16.43 13.45 11.96
N THR A 458 -16.16 13.46 13.26
CA THR A 458 -16.68 12.44 14.15
C THR A 458 -17.83 13.06 14.95
N VAL A 459 -19.01 12.46 14.89
CA VAL A 459 -20.16 13.02 15.60
C VAL A 459 -20.63 12.28 16.85
N GLY A 460 -20.76 13.01 17.95
CA GLY A 460 -21.25 12.46 19.19
C GLY A 460 -20.55 11.27 19.81
N LEU A 461 -19.22 11.31 19.80
CA LEU A 461 -18.39 10.24 20.36
C LEU A 461 -17.41 10.93 21.27
N LEU A 462 -16.98 10.22 22.30
CA LEU A 462 -16.02 10.74 23.27
C LEU A 462 -14.64 10.59 22.70
N ASP A 463 -13.69 11.33 23.30
CA ASP A 463 -12.32 11.33 22.86
C ASP A 463 -11.50 10.21 23.49
N GLN A 464 -11.05 9.32 22.61
CA GLN A 464 -10.21 8.17 22.95
C GLN A 464 -8.88 8.58 23.59
N ALA A 465 -8.33 9.75 23.22
CA ALA A 465 -7.08 10.27 23.82
C ALA A 465 -7.24 10.56 25.32
N ARG A 466 -8.48 10.57 25.80
CA ARG A 466 -8.76 10.82 27.20
C ARG A 466 -9.10 9.49 27.92
N MET A 467 -9.28 8.43 27.13
CA MET A 467 -9.60 7.10 27.64
C MET A 467 -8.39 6.24 27.97
N SER A 468 -8.60 5.34 28.92
CA SER A 468 -7.57 4.41 29.36
C SER A 468 -8.23 3.13 29.81
N ILE A 469 -7.46 2.07 29.94
CA ILE A 469 -8.02 0.80 30.34
C ILE A 469 -8.11 0.72 31.85
N ALA A 470 -9.31 0.48 32.35
CA ALA A 470 -9.52 0.36 33.79
C ALA A 470 -9.15 -1.07 34.25
N ASP A 471 -9.52 -2.06 33.42
CA ASP A 471 -9.23 -3.47 33.69
C ASP A 471 -9.51 -4.33 32.46
N VAL A 472 -8.90 -5.51 32.42
CA VAL A 472 -9.07 -6.47 31.32
C VAL A 472 -8.83 -7.84 31.95
N ASP A 473 -9.52 -8.86 31.44
CA ASP A 473 -9.34 -10.22 31.99
C ASP A 473 -8.03 -10.85 31.54
N SER A 474 -7.67 -10.64 30.26
CA SER A 474 -6.42 -11.15 29.72
C SER A 474 -6.04 -10.43 28.44
N GLU A 475 -4.74 -10.27 28.23
CA GLU A 475 -4.18 -9.58 27.08
C GLU A 475 -3.11 -10.46 26.48
N GLU A 476 -3.18 -10.76 25.19
CA GLU A 476 -2.12 -11.53 24.59
C GLU A 476 -1.10 -10.49 24.30
N THR A 477 0.08 -10.64 24.86
CA THR A 477 1.14 -9.67 24.65
C THR A 477 2.53 -10.30 24.50
N ALA A 478 2.60 -11.61 24.30
CA ALA A 478 3.88 -12.31 24.16
C ALA A 478 4.10 -12.70 22.72
N ARG A 479 3.22 -13.57 22.24
CA ARG A 479 3.28 -14.02 20.86
C ARG A 479 2.95 -12.86 19.89
N GLU A 480 2.06 -11.98 20.33
CA GLU A 480 1.64 -10.83 19.53
C GLU A 480 1.15 -9.67 20.41
N ASP A 481 0.83 -8.58 19.73
CA ASP A 481 0.33 -7.38 20.35
C ASP A 481 -1.21 -7.46 20.38
N GLY A 482 -1.73 -8.08 21.42
CA GLY A 482 -3.16 -8.18 21.57
C GLY A 482 -3.46 -7.35 22.80
N ARG A 483 -2.85 -6.18 22.88
CA ARG A 483 -3.05 -5.31 24.02
C ARG A 483 -4.43 -4.71 24.25
N ALA A 484 -4.88 -4.74 25.49
CA ALA A 484 -6.12 -4.04 25.79
C ALA A 484 -5.43 -2.69 25.83
N SER A 485 -5.86 -1.84 24.93
CA SER A 485 -5.39 -0.44 24.76
C SER A 485 -5.33 -0.20 23.28
N ASN A 486 -5.38 -1.29 22.51
CA ASN A 486 -5.44 -1.22 21.06
C ASN A 486 -6.93 -0.98 20.69
N VAL A 487 -7.84 -1.07 21.66
CA VAL A 487 -9.26 -0.83 21.35
C VAL A 487 -9.57 0.67 21.28
N ILE A 488 -8.76 1.49 21.95
CA ILE A 488 -8.96 2.94 22.00
C ILE A 488 -7.92 3.79 21.22
N ASP A 489 -7.45 3.32 20.08
CA ASP A 489 -6.48 4.11 19.33
C ASP A 489 -6.91 4.63 17.95
N GLY A 490 -8.16 4.39 17.57
CA GLY A 490 -8.64 4.85 16.29
C GLY A 490 -8.09 4.02 15.13
N ASN A 491 -7.71 2.77 15.39
CA ASN A 491 -7.18 1.93 14.34
C ASN A 491 -7.75 0.50 14.34
N PRO A 492 -8.54 0.17 13.33
CA PRO A 492 -9.21 -1.12 13.11
C PRO A 492 -8.21 -2.25 12.91
N SER A 493 -7.03 -1.86 12.46
CA SER A 493 -5.92 -2.75 12.16
C SER A 493 -5.28 -3.31 13.42
N THR A 494 -5.41 -2.59 14.54
CA THR A 494 -4.86 -3.04 15.84
C THR A 494 -6.05 -3.58 16.65
N PHE A 495 -5.78 -4.59 17.47
CA PHE A 495 -6.82 -5.25 18.25
C PHE A 495 -6.32 -5.77 19.59
N TRP A 496 -7.23 -5.89 20.54
CA TRP A 496 -6.96 -6.44 21.86
C TRP A 496 -7.21 -7.90 21.62
N HIS A 497 -6.43 -8.77 22.22
CA HIS A 497 -6.65 -10.18 22.02
C HIS A 497 -6.52 -10.82 23.38
N THR A 498 -7.39 -11.77 23.66
CA THR A 498 -7.32 -12.45 24.95
C THR A 498 -6.09 -13.36 24.90
N GLU A 499 -5.46 -13.55 26.05
CA GLU A 499 -4.28 -14.39 26.13
C GLU A 499 -4.54 -15.66 25.36
N TRP A 500 -4.02 -15.73 24.14
CA TRP A 500 -4.22 -16.92 23.38
C TRP A 500 -3.11 -17.88 23.63
N SER A 501 -3.28 -19.08 23.06
CA SER A 501 -2.34 -20.18 23.18
C SER A 501 -0.90 -19.75 23.27
N ARG A 502 -0.04 -20.75 23.49
CA ARG A 502 1.39 -20.47 23.75
C ARG A 502 1.18 -19.84 25.14
N ALA A 503 0.31 -20.54 25.87
CA ALA A 503 -0.17 -20.27 27.23
C ALA A 503 -1.65 -20.61 27.20
N ASP A 504 -2.04 -21.76 27.75
CA ASP A 504 -3.47 -22.09 27.76
C ASP A 504 -4.18 -21.31 28.89
N ALA A 505 -4.68 -20.14 28.49
CA ALA A 505 -5.37 -19.15 29.31
C ALA A 505 -6.87 -19.38 29.58
N PRO A 506 -7.57 -18.38 30.17
CA PRO A 506 -8.99 -18.62 30.44
C PRO A 506 -9.87 -18.63 29.22
N GLY A 507 -11.07 -19.18 29.46
CA GLY A 507 -12.11 -19.30 28.48
C GLY A 507 -12.95 -18.06 28.44
N TYR A 508 -14.15 -18.19 27.85
CA TYR A 508 -15.03 -17.07 27.58
C TYR A 508 -15.65 -15.99 28.45
N PRO A 509 -15.85 -16.20 29.76
CA PRO A 509 -16.43 -14.94 30.28
C PRO A 509 -15.23 -13.93 30.24
N HIS A 510 -15.12 -13.17 29.16
CA HIS A 510 -14.04 -12.19 28.94
C HIS A 510 -14.57 -10.77 29.13
N ARG A 511 -13.71 -9.82 29.44
CA ARG A 511 -14.19 -8.46 29.59
C ARG A 511 -13.12 -7.42 29.60
N ILE A 512 -13.52 -6.19 29.27
CA ILE A 512 -12.64 -5.02 29.24
C ILE A 512 -13.38 -3.75 29.72
N SER A 513 -12.73 -2.92 30.53
CA SER A 513 -13.34 -1.69 31.02
C SER A 513 -12.49 -0.49 30.67
N LEU A 514 -13.15 0.59 30.32
CA LEU A 514 -12.48 1.82 29.95
C LEU A 514 -12.75 2.89 30.97
N ASP A 515 -11.72 3.68 31.25
CA ASP A 515 -11.80 4.81 32.15
C ASP A 515 -12.00 5.91 31.11
N LEU A 516 -13.18 6.51 31.12
CA LEU A 516 -13.56 7.57 30.17
C LEU A 516 -12.77 8.86 30.38
N GLY A 517 -12.15 9.01 31.54
CA GLY A 517 -11.36 10.20 31.81
C GLY A 517 -12.14 11.34 32.44
N GLY A 518 -13.26 10.99 33.06
CA GLY A 518 -14.13 11.96 33.72
C GLY A 518 -15.55 11.51 33.51
N THR A 519 -16.50 12.13 34.21
CA THR A 519 -17.91 11.77 34.10
C THR A 519 -18.53 12.39 32.85
N HIS A 520 -19.21 11.59 32.04
CA HIS A 520 -19.85 12.04 30.82
C HIS A 520 -21.23 11.45 30.75
N THR A 521 -22.09 12.05 29.94
CA THR A 521 -23.42 11.53 29.79
C THR A 521 -23.31 10.67 28.57
N ILE A 522 -23.31 9.35 28.79
CA ILE A 522 -23.18 8.40 27.72
C ILE A 522 -24.48 7.63 27.44
N SER A 523 -24.67 7.28 26.18
CA SER A 523 -25.82 6.55 25.71
C SER A 523 -25.50 5.49 24.65
N GLY A 524 -24.30 4.95 24.67
CA GLY A 524 -24.00 3.94 23.68
C GLY A 524 -22.56 3.55 23.55
N LEU A 525 -22.33 2.48 22.82
CA LEU A 525 -21.01 1.97 22.60
C LEU A 525 -21.01 1.28 21.27
N GLN A 526 -19.94 1.48 20.51
CA GLN A 526 -19.75 0.84 19.21
C GLN A 526 -18.47 0.01 19.28
N TYR A 527 -18.49 -1.16 18.65
CA TYR A 527 -17.31 -2.01 18.62
C TYR A 527 -17.15 -2.57 17.22
N THR A 528 -15.90 -2.65 16.78
CA THR A 528 -15.57 -3.17 15.47
C THR A 528 -14.93 -4.53 15.73
N ARG A 529 -15.34 -5.54 14.98
CA ARG A 529 -14.77 -6.87 15.18
C ARG A 529 -13.30 -6.77 14.76
N ARG A 530 -12.53 -7.83 15.01
CA ARG A 530 -11.16 -7.86 14.55
C ARG A 530 -11.36 -8.14 13.05
N GLN A 531 -10.75 -7.33 12.20
CA GLN A 531 -10.92 -7.45 10.76
C GLN A 531 -10.42 -8.68 9.97
N ASN A 532 -9.18 -9.12 10.26
CA ASN A 532 -8.59 -10.24 9.51
C ASN A 532 -8.43 -11.58 10.23
N SER A 533 -9.47 -11.98 10.92
CA SER A 533 -9.52 -13.25 11.62
C SER A 533 -10.95 -13.38 12.08
N ALA A 534 -11.55 -14.56 11.96
CA ALA A 534 -12.94 -14.73 12.36
C ALA A 534 -13.28 -15.57 13.60
N ASN A 535 -12.27 -16.02 14.37
CA ASN A 535 -12.56 -16.89 15.52
C ASN A 535 -12.51 -16.31 16.92
N GLU A 536 -12.29 -15.01 17.00
CA GLU A 536 -12.29 -14.36 18.30
C GLU A 536 -13.31 -13.25 18.22
N GLN A 537 -14.40 -13.54 17.54
CA GLN A 537 -15.49 -12.60 17.38
C GLN A 537 -16.52 -12.64 18.50
N VAL A 538 -16.78 -11.51 19.16
CA VAL A 538 -17.75 -11.46 20.25
C VAL A 538 -19.19 -11.73 19.78
N ALA A 539 -19.93 -12.54 20.52
CA ALA A 539 -21.33 -12.80 20.16
C ALA A 539 -22.13 -12.18 21.26
N ASP A 540 -22.43 -12.94 22.30
CA ASP A 540 -23.21 -12.38 23.38
C ASP A 540 -22.41 -11.45 24.30
N TYR A 541 -23.03 -10.33 24.66
CA TYR A 541 -22.38 -9.35 25.50
C TYR A 541 -23.39 -8.70 26.41
N GLU A 542 -22.86 -7.96 27.39
CA GLU A 542 -23.63 -7.21 28.37
C GLU A 542 -22.79 -5.99 28.72
N ILE A 543 -23.43 -4.82 28.87
CA ILE A 543 -22.69 -3.61 29.23
C ILE A 543 -23.00 -3.23 30.68
N TYR A 544 -21.99 -2.68 31.37
CA TYR A 544 -22.08 -2.21 32.77
C TYR A 544 -21.39 -0.87 32.85
N THR A 545 -21.90 0.08 33.63
CA THR A 545 -21.25 1.38 33.79
C THR A 545 -20.91 1.58 35.27
N SER A 546 -20.10 2.59 35.55
CA SER A 546 -19.72 2.89 36.91
C SER A 546 -19.12 4.27 36.92
N LEU A 547 -19.10 4.88 38.08
CA LEU A 547 -18.49 6.19 38.19
C LEU A 547 -17.50 6.26 39.36
N ASN A 548 -17.56 5.28 40.26
CA ASN A 548 -16.60 5.25 41.35
C ASN A 548 -15.46 4.30 40.89
N GLY A 549 -15.81 3.47 39.90
CA GLY A 549 -14.88 2.51 39.29
C GLY A 549 -14.76 1.19 39.96
N THR A 550 -15.47 1.03 41.08
CA THR A 550 -15.40 -0.20 41.82
C THR A 550 -16.74 -0.93 41.82
N THR A 551 -17.83 -0.16 41.93
CA THR A 551 -19.15 -0.73 41.92
C THR A 551 -19.74 -0.50 40.53
N TRP A 552 -19.93 -1.61 39.84
CA TRP A 552 -20.46 -1.60 38.51
C TRP A 552 -21.93 -1.86 38.51
N ASP A 553 -22.65 -1.11 37.69
CA ASP A 553 -24.06 -1.35 37.60
C ASP A 553 -24.56 -1.62 36.18
N GLY A 554 -25.42 -2.63 36.12
CA GLY A 554 -26.02 -3.10 34.89
C GLY A 554 -26.56 -4.51 35.09
N PRO A 555 -26.71 -5.27 33.99
CA PRO A 555 -26.39 -4.76 32.67
C PRO A 555 -27.32 -3.63 32.24
N VAL A 556 -26.76 -2.66 31.55
CA VAL A 556 -27.50 -1.51 31.05
C VAL A 556 -27.89 -1.88 29.61
N ALA A 557 -27.33 -2.96 29.11
CA ALA A 557 -27.62 -3.42 27.76
C ALA A 557 -27.14 -4.85 27.61
N SER A 558 -27.76 -5.56 26.67
CA SER A 558 -27.48 -6.95 26.40
C SER A 558 -27.93 -7.23 24.99
N GLY A 559 -27.23 -8.14 24.34
CA GLY A 559 -27.57 -8.50 22.99
C GLY A 559 -26.49 -9.40 22.49
N ARG A 560 -26.57 -9.72 21.21
CA ARG A 560 -25.57 -10.55 20.56
C ARG A 560 -25.20 -9.78 19.32
N PHE A 561 -23.96 -9.36 19.17
CA PHE A 561 -23.72 -8.70 17.92
C PHE A 561 -23.31 -9.62 16.83
N THR A 562 -23.46 -9.11 15.61
CA THR A 562 -23.17 -9.85 14.42
C THR A 562 -21.69 -9.97 14.04
N THR A 563 -21.53 -10.48 12.85
CA THR A 563 -20.30 -10.75 12.17
C THR A 563 -19.88 -9.54 11.30
N SER A 564 -20.59 -8.42 11.47
CA SER A 564 -20.34 -7.18 10.72
C SER A 564 -18.94 -6.62 10.94
N LEU A 565 -18.27 -6.28 9.83
CA LEU A 565 -16.93 -5.71 9.87
C LEU A 565 -16.97 -4.24 10.26
N ALA A 566 -18.13 -3.60 10.08
CA ALA A 566 -18.29 -2.21 10.42
C ALA A 566 -18.63 -2.14 11.92
N PRO A 567 -18.70 -0.92 12.51
CA PRO A 567 -19.03 -0.80 13.93
C PRO A 567 -20.47 -1.21 14.27
N GLN A 568 -20.65 -1.79 15.45
CA GLN A 568 -21.95 -2.26 15.89
C GLN A 568 -22.35 -1.56 17.18
N ARG A 569 -23.59 -1.12 17.20
CA ARG A 569 -24.12 -0.36 18.30
C ARG A 569 -24.86 -1.07 19.41
N ALA A 570 -24.51 -0.61 20.61
CA ALA A 570 -25.03 -1.06 21.89
C ALA A 570 -25.55 0.23 22.45
N VAL A 571 -26.84 0.45 22.25
CA VAL A 571 -27.48 1.67 22.71
C VAL A 571 -28.24 1.50 24.01
N PHE A 572 -28.26 2.54 24.81
CA PHE A 572 -28.98 2.53 26.05
C PHE A 572 -29.45 3.93 26.48
N PRO A 573 -30.49 4.02 27.33
CA PRO A 573 -30.93 5.36 27.73
C PRO A 573 -29.80 6.13 28.41
N ALA A 574 -29.51 7.33 27.92
CA ALA A 574 -28.46 8.19 28.47
C ALA A 574 -28.34 8.11 29.97
N ARG A 575 -27.09 8.22 30.42
CA ARG A 575 -26.75 8.12 31.82
C ARG A 575 -25.32 8.61 32.02
N ASP A 576 -24.99 8.97 33.25
CA ASP A 576 -23.65 9.42 33.57
C ASP A 576 -22.82 8.27 34.04
N ALA A 577 -21.56 8.29 33.65
CA ALA A 577 -20.67 7.23 34.02
C ALA A 577 -19.26 7.71 33.75
N ARG A 578 -18.29 7.20 34.47
CA ARG A 578 -16.90 7.60 34.27
C ARG A 578 -16.15 6.46 33.61
N TYR A 579 -16.69 5.25 33.76
CA TYR A 579 -16.11 4.03 33.20
C TYR A 579 -17.20 3.22 32.54
N ILE A 580 -16.83 2.44 31.53
CA ILE A 580 -17.78 1.58 30.86
C ILE A 580 -17.09 0.24 30.70
N ARG A 581 -17.86 -0.83 30.88
CA ARG A 581 -17.31 -2.16 30.78
C ARG A 581 -18.12 -2.99 29.80
N LEU A 582 -17.42 -3.75 28.96
CA LEU A 582 -18.05 -4.67 28.00
C LEU A 582 -17.65 -6.06 28.49
N VAL A 583 -18.66 -6.89 28.75
CA VAL A 583 -18.48 -8.25 29.20
C VAL A 583 -18.87 -9.04 27.96
N ALA A 584 -17.98 -9.91 27.48
CA ALA A 584 -18.25 -10.74 26.31
C ALA A 584 -18.53 -12.12 26.89
N LEU A 585 -19.72 -12.64 26.62
CA LEU A 585 -20.19 -13.92 27.16
C LEU A 585 -19.93 -15.11 26.27
N SER A 586 -19.86 -14.88 24.96
CA SER A 586 -19.64 -15.95 24.00
C SER A 586 -19.00 -15.40 22.73
N GLU A 587 -18.42 -16.31 21.94
CA GLU A 587 -17.76 -16.00 20.66
C GLU A 587 -18.70 -16.55 19.62
N GLN A 588 -18.85 -15.82 18.52
CA GLN A 588 -19.72 -16.20 17.41
C GLN A 588 -19.67 -17.67 16.99
N THR A 589 -18.48 -18.22 16.81
CA THR A 589 -18.36 -19.62 16.39
C THR A 589 -17.89 -20.60 17.52
N GLY A 590 -18.18 -20.22 18.77
CA GLY A 590 -17.85 -21.03 19.93
C GLY A 590 -16.39 -21.22 20.31
N HIS A 591 -15.48 -20.66 19.51
CA HIS A 591 -14.06 -20.78 19.76
C HIS A 591 -13.75 -20.07 21.12
N LYS A 592 -12.53 -20.15 21.65
CA LYS A 592 -12.22 -19.58 22.98
C LYS A 592 -11.70 -18.16 23.26
N TYR A 593 -11.44 -17.38 22.23
CA TYR A 593 -10.90 -16.05 22.46
C TYR A 593 -11.74 -14.91 21.99
N ALA A 594 -11.40 -13.74 22.52
CA ALA A 594 -12.05 -12.49 22.17
C ALA A 594 -10.97 -11.51 21.69
N ALA A 595 -11.30 -10.78 20.64
CA ALA A 595 -10.40 -9.81 20.06
C ALA A 595 -11.27 -8.64 19.62
N VAL A 596 -10.84 -7.42 19.91
CA VAL A 596 -11.62 -6.24 19.53
C VAL A 596 -10.67 -5.23 18.87
N ALA A 597 -11.00 -4.83 17.65
CA ALA A 597 -10.16 -3.85 16.95
C ALA A 597 -10.28 -2.44 17.58
N GLU A 598 -11.53 -2.03 17.82
CA GLU A 598 -11.88 -0.71 18.35
C GLU A 598 -13.16 -0.64 19.19
N LEU A 599 -13.16 0.27 20.18
CA LEU A 599 -14.30 0.55 21.05
C LEU A 599 -14.52 2.06 21.01
N GLU A 600 -15.76 2.45 20.74
CA GLU A 600 -16.17 3.83 20.66
C GLU A 600 -17.28 4.05 21.69
N VAL A 601 -17.22 5.15 22.41
CA VAL A 601 -18.25 5.48 23.40
C VAL A 601 -19.01 6.68 22.86
N GLU A 602 -20.34 6.52 22.78
CA GLU A 602 -21.22 7.57 22.30
C GLU A 602 -21.62 8.42 23.48
N GLY A 603 -21.39 9.72 23.38
CA GLY A 603 -21.75 10.61 24.48
C GLY A 603 -21.35 12.05 24.24
N GLN A 604 -21.35 12.83 25.32
CA GLN A 604 -21.01 14.24 25.22
C GLN A 604 -19.65 14.57 25.84
N ARG A 605 -18.81 15.23 25.03
CA ARG A 605 -17.44 15.66 25.39
C ARG A 605 -17.48 16.77 26.43
NA NA B . -7.27 -0.91 17.36
#